data_5AEA
#
_entry.id   5AEA
#
_cell.length_a   23.850
_cell.length_b   107.327
_cell.length_c   41.748
_cell.angle_alpha   90.00
_cell.angle_beta   99.57
_cell.angle_gamma   90.00
#
_symmetry.space_group_name_H-M   'P 1 21 1'
#
loop_
_entity.id
_entity.type
_entity.pdbx_description
1 polymer 'NEURAL CELL ADHESION MOLECULE 1'
2 non-polymer 'CITRATE ANION'
3 water water
#
_entity_poly.entity_id   1
_entity_poly.type   'polypeptide(L)'
_entity_poly.pdbx_seq_one_letter_code
;LQVDIVPSQGEISVGESKFFLCQVAGDAKDKDISWFSPNGEKLTPNQQRISVVWNDDSSSTLTIYNANIDDAGIYKCVVT
GEDGSESEATVNVKIFQAAADYKDDDDKAADYKDDDDK
;
_entity_poly.pdbx_strand_id   A,B
#
loop_
_chem_comp.id
_chem_comp.type
_chem_comp.name
_chem_comp.formula
FLC non-polymer 'CITRATE ANION' 'C6 H5 O7 -3'
#
# COMPACT_ATOMS: atom_id res chain seq x y z
N LEU A 1 22.73 -4.17 5.94
CA LEU A 1 21.33 -3.73 5.97
C LEU A 1 20.52 -4.83 6.64
N GLN A 2 19.85 -4.51 7.75
CA GLN A 2 19.14 -5.53 8.48
C GLN A 2 17.82 -5.03 9.00
N VAL A 3 16.86 -5.93 8.98
CA VAL A 3 15.51 -5.65 9.42
C VAL A 3 15.07 -6.79 10.33
N ASP A 4 14.31 -6.46 11.39
CA ASP A 4 13.81 -7.45 12.35
C ASP A 4 12.38 -7.15 12.75
N ILE A 5 11.64 -8.20 13.08
CA ILE A 5 10.23 -8.09 13.41
C ILE A 5 10.02 -8.52 14.85
N VAL A 6 9.25 -7.74 15.59
CA VAL A 6 8.95 -8.02 16.99
C VAL A 6 7.45 -8.01 17.17
N PRO A 7 6.88 -9.14 17.59
CA PRO A 7 7.55 -10.40 17.94
C PRO A 7 7.94 -11.23 16.72
N SER A 8 8.90 -12.14 16.89
CA SER A 8 9.47 -12.89 15.77
C SER A 8 8.51 -13.94 15.24
N GLN A 9 7.49 -14.27 16.02
CA GLN A 9 6.40 -15.12 15.55
C GLN A 9 5.15 -14.76 16.32
N GLY A 10 3.99 -15.14 15.80
CA GLY A 10 2.74 -14.80 16.47
C GLY A 10 1.57 -15.73 16.22
N GLU A 11 0.69 -15.78 17.21
CA GLU A 11 -0.56 -16.49 17.11
C GLU A 11 -1.68 -15.56 17.47
N ILE A 12 -2.71 -15.53 16.64
CA ILE A 12 -3.86 -14.67 16.87
C ILE A 12 -5.10 -15.53 16.89
N SER A 13 -5.91 -15.34 17.93
CA SER A 13 -7.19 -16.00 18.01
C SER A 13 -8.13 -15.35 17.01
N VAL A 14 -8.99 -16.16 16.39
CA VAL A 14 -9.99 -15.68 15.45
C VAL A 14 -10.78 -14.55 16.10
N GLY A 15 -10.93 -13.45 15.36
CA GLY A 15 -11.63 -12.26 15.85
C GLY A 15 -10.80 -11.29 16.65
N GLU A 16 -9.55 -11.62 16.94
CA GLU A 16 -8.73 -10.78 17.82
C GLU A 16 -7.70 -10.01 16.98
N SER A 17 -6.83 -9.25 17.63
CA SER A 17 -5.89 -8.41 16.89
C SER A 17 -4.52 -8.54 17.50
N LYS A 18 -3.50 -8.27 16.69
CA LYS A 18 -2.13 -8.35 17.10
C LYS A 18 -1.30 -7.44 16.21
N PHE A 19 -0.28 -6.80 16.77
CA PHE A 19 0.63 -6.00 15.94
C PHE A 19 2.03 -6.60 15.92
N PHE A 20 2.74 -6.25 14.85
CA PHE A 20 4.11 -6.64 14.60
C PHE A 20 4.92 -5.43 14.15
N LEU A 21 6.02 -5.18 14.84
CA LEU A 21 6.77 -3.99 14.61
C LEU A 21 8.01 -4.38 13.82
N CYS A 22 8.13 -3.81 12.63
CA CYS A 22 9.33 -4.01 11.83
C CYS A 22 10.27 -2.82 11.99
N GLN A 23 11.54 -3.09 12.31
CA GLN A 23 12.51 -2.02 12.52
C GLN A 23 13.82 -2.27 11.78
N VAL A 24 14.35 -1.22 11.18
CA VAL A 24 15.63 -1.30 10.47
C VAL A 24 16.71 -1.00 11.47
N ALA A 25 17.79 -1.78 11.41
CA ALA A 25 18.94 -1.53 12.26
C ALA A 25 19.88 -0.55 11.56
N GLY A 26 19.95 0.68 12.09
CA GLY A 26 20.82 1.69 11.53
C GLY A 26 20.06 2.86 10.95
N ASP A 27 20.72 3.64 10.11
CA ASP A 27 20.07 4.80 9.51
C ASP A 27 19.30 4.34 8.27
N ALA A 28 17.99 4.56 8.28
CA ALA A 28 17.16 4.25 7.12
C ALA A 28 16.81 5.55 6.40
N LYS A 29 17.79 6.45 6.35
CA LYS A 29 17.60 7.78 5.75
C LYS A 29 16.89 7.66 4.40
N ASP A 30 17.55 7.03 3.43
CA ASP A 30 17.02 6.92 2.08
C ASP A 30 16.41 5.55 1.81
N LYS A 31 16.01 4.85 2.86
CA LYS A 31 15.48 3.51 2.73
C LYS A 31 13.94 3.49 2.81
N ASP A 32 13.34 2.57 2.05
CA ASP A 32 11.89 2.38 2.03
C ASP A 32 11.58 1.14 2.85
N ILE A 33 10.46 1.15 3.58
CA ILE A 33 10.04 -0.02 4.32
C ILE A 33 8.63 -0.35 3.89
N SER A 34 8.42 -1.61 3.54
CA SER A 34 7.10 -2.08 3.09
C SER A 34 6.75 -3.44 3.73
N TRP A 35 5.49 -3.59 4.12
CA TRP A 35 4.96 -4.86 4.58
C TRP A 35 4.24 -5.54 3.41
N PHE A 36 4.39 -6.87 3.35
CA PHE A 36 3.69 -7.69 2.36
C PHE A 36 2.95 -8.83 3.05
N SER A 37 1.73 -9.09 2.59
CA SER A 37 0.95 -10.24 3.07
C SER A 37 1.42 -11.58 2.44
N PRO A 38 0.95 -12.70 3.00
CA PRO A 38 1.33 -14.03 2.49
C PRO A 38 0.98 -14.19 1.02
N ASN A 39 -0.06 -13.51 0.54
CA ASN A 39 -0.42 -13.63 -0.85
C ASN A 39 0.38 -12.67 -1.75
N GLY A 40 1.39 -11.99 -1.19
CA GLY A 40 2.30 -11.17 -1.96
C GLY A 40 1.96 -9.70 -2.12
N GLU A 41 0.77 -9.28 -1.67
CA GLU A 41 0.35 -7.90 -1.86
C GLU A 41 1.07 -6.94 -0.92
N LYS A 42 1.51 -5.80 -1.44
CA LYS A 42 2.05 -4.77 -0.58
C LYS A 42 0.91 -4.19 0.27
N LEU A 43 1.07 -4.17 1.59
CA LEU A 43 -0.04 -3.86 2.46
C LEU A 43 -0.19 -2.38 2.73
N THR A 44 -1.44 -1.90 2.65
CA THR A 44 -1.78 -0.50 2.95
C THR A 44 -2.94 -0.43 3.92
N PRO A 45 -3.02 0.66 4.70
CA PRO A 45 -4.00 0.76 5.79
C PRO A 45 -5.47 0.75 5.35
N ASN A 46 -5.75 1.10 4.09
CA ASN A 46 -7.14 1.03 3.60
C ASN A 46 -7.68 -0.40 3.57
N GLN A 47 -6.82 -1.39 3.68
CA GLN A 47 -7.28 -2.76 3.50
C GLN A 47 -8.11 -3.27 4.69
N GLN A 48 -9.04 -4.16 4.37
CA GLN A 48 -9.85 -4.85 5.37
C GLN A 48 -9.00 -5.62 6.37
N ARG A 49 -9.21 -5.35 7.65
CA ARG A 49 -8.62 -6.11 8.75
C ARG A 49 -7.13 -5.83 8.92
N ILE A 50 -6.64 -4.80 8.23
CA ILE A 50 -5.21 -4.52 8.14
C ILE A 50 -4.91 -3.06 8.45
N SER A 51 -3.87 -2.84 9.22
CA SER A 51 -3.36 -1.50 9.41
C SER A 51 -1.87 -1.54 9.19
N VAL A 52 -1.36 -0.58 8.42
CA VAL A 52 0.07 -0.37 8.33
C VAL A 52 0.36 1.08 8.67
N VAL A 53 1.30 1.27 9.59
CA VAL A 53 1.70 2.58 10.03
C VAL A 53 3.19 2.72 9.85
N TRP A 54 3.61 3.84 9.28
CA TRP A 54 5.02 4.14 9.18
C TRP A 54 5.35 5.16 10.27
N ASN A 55 6.02 4.67 11.31
CA ASN A 55 6.25 5.44 12.52
C ASN A 55 7.30 6.50 12.30
N ASP A 56 8.35 6.12 11.57
CA ASP A 56 9.38 7.02 11.09
C ASP A 56 10.06 6.29 9.96
N ASP A 57 11.22 6.75 9.53
CA ASP A 57 11.88 6.16 8.36
C ASP A 57 12.54 4.82 8.70
N SER A 58 12.54 4.46 9.98
CA SER A 58 13.24 3.25 10.42
C SER A 58 12.31 2.15 10.95
N SER A 59 11.00 2.37 10.98
CA SER A 59 10.10 1.36 11.54
C SER A 59 8.69 1.49 11.01
N SER A 60 8.07 0.35 10.85
CA SER A 60 6.72 0.26 10.34
C SER A 60 5.96 -0.82 11.10
N THR A 61 4.72 -0.55 11.45
CA THR A 61 3.94 -1.48 12.28
C THR A 61 2.75 -2.03 11.53
N LEU A 62 2.66 -3.35 11.49
CA LEU A 62 1.53 -4.01 10.89
C LEU A 62 0.59 -4.45 11.99
N THR A 63 -0.69 -4.15 11.83
CA THR A 63 -1.71 -4.66 12.74
C THR A 63 -2.75 -5.44 11.95
N ILE A 64 -3.02 -6.65 12.42
CA ILE A 64 -4.10 -7.50 11.92
C ILE A 64 -5.24 -7.41 12.96
N TYR A 65 -6.44 -7.05 12.52
CA TYR A 65 -7.57 -7.03 13.44
CA TYR A 65 -7.62 -6.96 13.40
C TYR A 65 -8.72 -7.91 12.95
N ASN A 66 -9.61 -8.24 13.89
CA ASN A 66 -10.74 -9.12 13.60
C ASN A 66 -10.26 -10.32 12.78
N ALA A 67 -9.28 -11.03 13.33
CA ALA A 67 -8.49 -11.97 12.55
C ALA A 67 -9.38 -13.09 12.00
N ASN A 68 -9.19 -13.33 10.71
CA ASN A 68 -9.88 -14.41 10.00
C ASN A 68 -8.86 -15.51 9.72
N ILE A 69 -9.34 -16.75 9.64
CA ILE A 69 -8.47 -17.87 9.32
C ILE A 69 -7.73 -17.63 7.98
N ASP A 70 -8.35 -16.90 7.07
CA ASP A 70 -7.71 -16.58 5.79
C ASP A 70 -6.53 -15.60 5.92
N ASP A 71 -6.26 -15.10 7.12
CA ASP A 71 -5.17 -14.14 7.31
C ASP A 71 -3.85 -14.78 7.71
N ALA A 72 -3.85 -16.10 7.85
CA ALA A 72 -2.67 -16.82 8.31
C ALA A 72 -1.61 -16.93 7.23
N GLY A 73 -0.34 -16.97 7.63
CA GLY A 73 0.73 -17.14 6.66
C GLY A 73 1.98 -16.38 7.03
N ILE A 74 2.93 -16.37 6.10
CA ILE A 74 4.19 -15.71 6.34
C ILE A 74 4.04 -14.28 5.83
N TYR A 75 4.12 -13.31 6.74
CA TYR A 75 4.18 -11.90 6.38
C TYR A 75 5.62 -11.50 6.28
N LYS A 76 5.88 -10.47 5.47
CA LYS A 76 7.24 -10.08 5.13
C LYS A 76 7.40 -8.57 5.19
N CYS A 77 8.49 -8.15 5.83
CA CYS A 77 8.88 -6.74 5.89
C CYS A 77 10.16 -6.60 5.05
N VAL A 78 10.12 -5.74 4.03
CA VAL A 78 11.25 -5.51 3.15
C VAL A 78 11.76 -4.09 3.29
N VAL A 79 13.07 -3.93 3.41
CA VAL A 79 13.68 -2.62 3.45
C VAL A 79 14.55 -2.48 2.20
N THR A 80 14.40 -1.36 1.50
CA THR A 80 15.05 -1.11 0.21
C THR A 80 15.87 0.14 0.33
N GLY A 81 17.14 0.03 -0.07
CA GLY A 81 18.06 1.14 0.04
C GLY A 81 18.15 1.96 -1.24
N GLU A 82 18.58 3.21 -1.06
CA GLU A 82 18.86 4.09 -2.19
C GLU A 82 19.85 3.41 -3.13
N ASP A 83 20.84 2.75 -2.52
CA ASP A 83 21.92 2.13 -3.27
C ASP A 83 21.50 0.82 -3.94
N GLY A 84 20.25 0.41 -3.75
CA GLY A 84 19.77 -0.84 -4.31
C GLY A 84 19.97 -2.00 -3.35
N SER A 85 20.43 -1.69 -2.15
CA SER A 85 20.60 -2.69 -1.12
C SER A 85 19.22 -3.13 -0.64
N GLU A 86 19.10 -4.35 -0.15
CA GLU A 86 17.79 -4.81 0.25
C GLU A 86 17.89 -5.96 1.23
N SER A 87 17.00 -5.97 2.20
CA SER A 87 16.87 -7.11 3.08
C SER A 87 15.43 -7.29 3.49
N GLU A 88 15.15 -8.44 4.05
CA GLU A 88 13.81 -8.74 4.48
C GLU A 88 13.82 -9.53 5.78
N ALA A 89 12.69 -9.44 6.46
CA ALA A 89 12.38 -10.27 7.62
C ALA A 89 11.01 -10.87 7.40
N THR A 90 10.78 -12.05 7.96
CA THR A 90 9.50 -12.73 7.84
C THR A 90 8.96 -13.10 9.22
N VAL A 91 7.65 -13.08 9.37
CA VAL A 91 7.03 -13.56 10.59
C VAL A 91 5.92 -14.50 10.20
N ASN A 92 5.90 -15.66 10.85
CA ASN A 92 4.85 -16.64 10.63
C ASN A 92 3.68 -16.35 11.58
N VAL A 93 2.56 -15.92 11.01
CA VAL A 93 1.37 -15.60 11.76
C VAL A 93 0.42 -16.80 11.68
N LYS A 94 0.14 -17.40 12.83
CA LYS A 94 -0.81 -18.50 12.90
C LYS A 94 -2.10 -17.93 13.44
N ILE A 95 -3.23 -18.38 12.89
CA ILE A 95 -4.54 -17.98 13.37
C ILE A 95 -5.21 -19.23 13.92
N PHE A 96 -5.83 -19.12 15.09
CA PHE A 96 -6.41 -20.30 15.70
C PHE A 96 -7.78 -20.02 16.34
N GLN A 97 -8.49 -21.11 16.66
CA GLN A 97 -9.67 -21.00 17.53
C GLN A 97 -9.51 -21.97 18.68
N ALA A 98 -9.98 -21.55 19.86
CA ALA A 98 -9.90 -22.35 21.07
C ALA A 98 -11.08 -22.04 22.01
N ALA A 99 -11.27 -22.87 23.04
CA ALA A 99 -12.30 -22.62 24.03
C ALA A 99 -12.14 -21.21 24.64
N ALA A 100 -13.22 -20.43 24.69
CA ALA A 100 -13.15 -19.03 25.14
C ALA A 100 -14.12 -18.76 26.29
N LEU B 1 -16.76 -5.75 -9.71
CA LEU B 1 -16.86 -4.27 -9.57
C LEU B 1 -16.51 -3.62 -10.90
N GLN B 2 -17.04 -2.43 -11.14
CA GLN B 2 -16.54 -1.59 -12.22
C GLN B 2 -15.93 -0.34 -11.61
N VAL B 3 -15.10 0.36 -12.37
CA VAL B 3 -14.22 1.36 -11.80
C VAL B 3 -13.80 2.36 -12.86
N ASP B 4 -13.56 3.61 -12.47
CA ASP B 4 -13.02 4.59 -13.41
C ASP B 4 -12.26 5.74 -12.75
N ILE B 5 -11.36 6.34 -13.52
CA ILE B 5 -10.47 7.40 -13.05
C ILE B 5 -10.99 8.75 -13.52
N VAL B 6 -11.12 9.71 -12.61
CA VAL B 6 -11.51 11.06 -13.02
C VAL B 6 -10.48 12.05 -12.48
N PRO B 7 -9.95 12.93 -13.35
CA PRO B 7 -10.20 13.01 -14.78
C PRO B 7 -9.67 11.80 -15.53
N SER B 8 -10.32 11.50 -16.65
CA SER B 8 -9.92 10.41 -17.51
C SER B 8 -8.58 10.75 -18.18
N GLN B 9 -8.39 12.05 -18.42
CA GLN B 9 -7.23 12.59 -19.11
C GLN B 9 -6.20 13.05 -18.11
N GLY B 10 -4.92 12.85 -18.42
CA GLY B 10 -3.87 13.21 -17.49
C GLY B 10 -2.73 14.04 -18.03
N GLU B 11 -3.00 15.26 -18.41
CA GLU B 11 -1.93 16.16 -18.80
C GLU B 11 -1.58 17.06 -17.63
N ILE B 12 -0.31 17.09 -17.24
CA ILE B 12 0.14 17.92 -16.10
C ILE B 12 1.33 18.78 -16.51
N SER B 13 1.28 20.07 -16.19
CA SER B 13 2.46 20.92 -16.42
C SER B 13 3.55 20.70 -15.37
N VAL B 14 4.80 20.83 -15.80
CA VAL B 14 5.93 20.84 -14.89
C VAL B 14 5.66 21.84 -13.77
N GLY B 15 5.88 21.41 -12.54
CA GLY B 15 5.65 22.23 -11.36
C GLY B 15 4.22 22.23 -10.81
N GLU B 16 3.26 21.80 -11.62
CA GLU B 16 1.88 21.77 -11.18
C GLU B 16 1.61 20.52 -10.30
N SER B 17 0.58 20.60 -9.47
CA SER B 17 0.14 19.48 -8.63
C SER B 17 -1.24 19.05 -9.10
N LYS B 18 -1.44 17.75 -9.20
CA LYS B 18 -2.72 17.23 -9.69
C LYS B 18 -3.11 15.91 -9.00
N PHE B 19 -4.40 15.76 -8.74
CA PHE B 19 -4.92 14.55 -8.13
C PHE B 19 -5.79 13.78 -9.11
N PHE B 20 -5.73 12.45 -9.03
CA PHE B 20 -6.61 11.60 -9.82
C PHE B 20 -7.42 10.69 -8.90
N LEU B 21 -8.72 10.70 -9.09
CA LEU B 21 -9.64 9.91 -8.29
C LEU B 21 -9.96 8.60 -8.99
N CYS B 22 -9.71 7.49 -8.29
CA CYS B 22 -10.10 6.16 -8.72
C CYS B 22 -11.37 5.86 -7.93
N GLN B 23 -12.50 5.75 -8.63
CA GLN B 23 -13.82 5.67 -8.02
C GLN B 23 -14.49 4.35 -8.38
N VAL B 24 -14.98 3.64 -7.38
CA VAL B 24 -15.70 2.41 -7.65
C VAL B 24 -17.17 2.72 -7.81
N ALA B 25 -17.78 2.13 -8.84
CA ALA B 25 -19.20 2.25 -9.05
C ALA B 25 -19.95 1.25 -8.18
N GLY B 26 -21.14 1.62 -7.73
CA GLY B 26 -21.99 0.70 -6.99
C GLY B 26 -21.79 0.79 -5.49
N ASP B 27 -22.74 0.27 -4.74
CA ASP B 27 -22.61 0.24 -3.29
C ASP B 27 -21.59 -0.84 -2.91
N ALA B 28 -20.32 -0.57 -3.18
CA ALA B 28 -19.26 -1.52 -2.90
C ALA B 28 -18.23 -0.92 -1.95
N LYS B 29 -18.32 -1.30 -0.68
CA LYS B 29 -17.52 -0.67 0.37
C LYS B 29 -16.53 -1.62 1.07
N ASP B 30 -16.64 -2.93 0.79
CA ASP B 30 -15.68 -3.87 1.33
C ASP B 30 -14.52 -4.13 0.36
N LYS B 31 -14.45 -3.35 -0.71
CA LYS B 31 -13.39 -3.54 -1.71
C LYS B 31 -12.10 -2.84 -1.28
N ASP B 32 -10.98 -3.34 -1.77
CA ASP B 32 -9.70 -2.66 -1.59
C ASP B 32 -9.32 -2.01 -2.92
N ILE B 33 -9.04 -0.72 -2.87
CA ILE B 33 -8.73 0.06 -4.07
C ILE B 33 -7.28 0.47 -3.94
N SER B 34 -6.49 0.17 -4.97
CA SER B 34 -5.06 0.42 -4.92
C SER B 34 -4.58 1.13 -6.17
N TRP B 35 -3.68 2.10 -6.01
CA TRP B 35 -2.95 2.72 -7.11
C TRP B 35 -1.54 2.16 -7.28
N PHE B 36 -1.13 2.02 -8.54
CA PHE B 36 0.21 1.59 -8.91
C PHE B 36 0.92 2.63 -9.78
N SER B 37 2.21 2.80 -9.51
CA SER B 37 3.14 3.64 -10.27
C SER B 37 3.46 2.96 -11.59
N PRO B 38 3.89 3.72 -12.59
CA PRO B 38 4.24 3.10 -13.87
C PRO B 38 5.26 1.97 -13.74
N ASN B 39 6.09 1.96 -12.71
CA ASN B 39 7.06 0.88 -12.54
C ASN B 39 6.42 -0.39 -11.96
N GLY B 40 5.10 -0.37 -11.83
CA GLY B 40 4.38 -1.53 -11.30
C GLY B 40 4.33 -1.67 -9.80
N GLU B 41 4.96 -0.74 -9.07
CA GLU B 41 4.92 -0.78 -7.61
C GLU B 41 3.60 -0.22 -7.07
N LYS B 42 3.04 -0.86 -6.06
CA LYS B 42 1.87 -0.31 -5.39
C LYS B 42 2.27 0.94 -4.60
N LEU B 43 1.53 2.03 -4.76
CA LEU B 43 1.79 3.23 -3.97
C LEU B 43 1.32 3.08 -2.53
N THR B 44 2.14 3.54 -1.61
CA THR B 44 1.75 3.60 -0.19
C THR B 44 1.78 5.04 0.32
N PRO B 45 0.95 5.36 1.31
CA PRO B 45 0.91 6.72 1.84
C PRO B 45 2.22 7.11 2.52
N ASN B 46 2.70 8.28 2.18
CA ASN B 46 3.90 8.80 2.77
C ASN B 46 4.02 10.22 2.25
N GLN B 47 5.23 10.76 2.29
CA GLN B 47 5.46 12.16 2.01
C GLN B 47 6.39 12.32 0.80
N GLN B 48 6.27 11.42 -0.16
CA GLN B 48 6.87 11.67 -1.46
C GLN B 48 5.92 12.56 -2.25
N ARG B 49 6.42 13.14 -3.34
CA ARG B 49 5.58 13.95 -4.22
C ARG B 49 4.51 13.10 -4.87
N ILE B 50 4.83 11.82 -5.07
CA ILE B 50 3.91 10.88 -5.68
C ILE B 50 3.38 9.95 -4.60
N SER B 51 2.12 10.11 -4.23
CA SER B 51 1.56 9.26 -3.20
C SER B 51 0.06 9.01 -3.40
N VAL B 52 -0.58 8.50 -2.36
CA VAL B 52 -1.95 8.07 -2.44
C VAL B 52 -2.65 8.36 -1.11
N VAL B 53 -3.95 8.59 -1.19
CA VAL B 53 -4.76 8.93 -0.05
C VAL B 53 -6.08 8.25 -0.30
N TRP B 54 -6.77 7.86 0.77
CA TRP B 54 -8.09 7.26 0.66
C TRP B 54 -9.06 8.14 1.42
N ASN B 55 -9.88 8.90 0.70
CA ASN B 55 -10.68 9.92 1.34
C ASN B 55 -12.05 9.40 1.75
N ASP B 56 -12.35 8.17 1.35
CA ASP B 56 -13.57 7.51 1.78
C ASP B 56 -13.43 6.03 1.45
N ASP B 57 -14.45 5.22 1.71
CA ASP B 57 -14.32 3.80 1.49
C ASP B 57 -14.66 3.34 0.05
N SER B 58 -14.96 4.30 -0.83
CA SER B 58 -15.32 4.00 -2.21
C SER B 58 -14.34 4.53 -3.25
N SER B 59 -13.19 4.99 -2.80
CA SER B 59 -12.23 5.53 -3.75
C SER B 59 -10.83 5.59 -3.19
N SER B 60 -9.90 5.98 -4.06
CA SER B 60 -8.52 6.18 -3.70
C SER B 60 -8.02 7.28 -4.61
N THR B 61 -7.26 8.21 -4.04
CA THR B 61 -6.81 9.39 -4.76
C THR B 61 -5.30 9.35 -4.93
N LEU B 62 -4.88 9.36 -6.19
CA LEU B 62 -3.49 9.48 -6.55
C LEU B 62 -3.11 10.95 -6.49
N THR B 63 -2.09 11.27 -5.69
CA THR B 63 -1.64 12.66 -5.57
C THR B 63 -0.26 12.84 -6.23
N ILE B 64 -0.17 13.76 -7.18
CA ILE B 64 1.13 14.08 -7.79
C ILE B 64 1.43 15.55 -7.49
N TYR B 65 2.38 15.76 -6.60
CA TYR B 65 2.77 17.11 -6.22
C TYR B 65 3.95 17.63 -7.05
N ASN B 66 3.91 18.91 -7.43
CA ASN B 66 5.07 19.58 -8.01
C ASN B 66 5.70 18.74 -9.12
N ALA B 67 4.93 18.50 -10.17
CA ALA B 67 5.31 17.50 -11.16
C ALA B 67 6.62 17.80 -11.83
N ASN B 68 7.36 16.74 -12.15
CA ASN B 68 8.45 16.90 -13.08
C ASN B 68 8.35 15.87 -14.19
N ILE B 69 9.16 16.07 -15.21
CA ILE B 69 9.04 15.36 -16.47
C ILE B 69 9.09 13.84 -16.31
N ASP B 70 9.82 13.36 -15.31
CA ASP B 70 10.02 11.94 -15.15
C ASP B 70 8.87 11.24 -14.39
N ASP B 71 7.86 12.02 -14.01
CA ASP B 71 6.66 11.47 -13.39
C ASP B 71 5.71 10.88 -14.42
N ALA B 72 6.02 11.09 -15.70
CA ALA B 72 5.16 10.62 -16.77
C ALA B 72 5.07 9.09 -16.84
N GLY B 73 3.92 8.58 -17.27
CA GLY B 73 3.71 7.15 -17.44
C GLY B 73 2.28 6.71 -17.30
N ILE B 74 2.07 5.40 -17.41
CA ILE B 74 0.76 4.81 -17.29
C ILE B 74 0.57 4.39 -15.83
N TYR B 75 -0.33 5.08 -15.13
CA TYR B 75 -0.66 4.74 -13.75
C TYR B 75 -1.89 3.87 -13.79
N LYS B 76 -2.08 3.03 -12.78
CA LYS B 76 -3.13 2.05 -12.85
C LYS B 76 -3.77 1.95 -11.48
N CYS B 77 -5.08 1.86 -11.42
CA CYS B 77 -5.68 1.52 -10.15
C CYS B 77 -6.43 0.21 -10.29
N VAL B 78 -6.36 -0.56 -9.21
CA VAL B 78 -6.90 -1.89 -9.19
C VAL B 78 -7.89 -1.97 -8.02
N VAL B 79 -9.03 -2.57 -8.29
CA VAL B 79 -10.03 -2.83 -7.25
C VAL B 79 -10.17 -4.33 -7.09
N THR B 80 -10.09 -4.81 -5.84
CA THR B 80 -10.26 -6.23 -5.57
C THR B 80 -11.19 -6.48 -4.38
N GLY B 81 -11.89 -7.61 -4.43
CA GLY B 81 -12.75 -8.01 -3.34
C GLY B 81 -12.51 -9.46 -3.00
N GLU B 82 -13.60 -10.17 -2.72
CA GLU B 82 -13.50 -11.60 -2.50
C GLU B 82 -14.58 -12.28 -3.33
N ASP B 83 -14.15 -12.88 -4.44
CA ASP B 83 -15.05 -13.55 -5.36
C ASP B 83 -16.06 -12.54 -5.94
N SER B 85 -13.98 -10.43 -6.87
CA SER B 85 -13.59 -10.33 -8.28
C SER B 85 -12.53 -9.26 -8.46
N GLU B 86 -12.34 -8.83 -9.70
CA GLU B 86 -11.25 -7.91 -10.02
C GLU B 86 -11.73 -6.81 -10.97
N SER B 87 -11.09 -5.66 -10.91
CA SER B 87 -11.32 -4.64 -11.93
C SER B 87 -10.16 -3.63 -11.94
N GLU B 88 -9.78 -3.19 -13.14
CA GLU B 88 -8.62 -2.31 -13.31
C GLU B 88 -8.96 -1.14 -14.20
N ALA B 89 -8.20 -0.08 -14.06
CA ALA B 89 -8.32 1.09 -14.93
C ALA B 89 -6.96 1.77 -15.01
N THR B 90 -6.62 2.32 -16.18
CA THR B 90 -5.35 3.00 -16.36
C THR B 90 -5.55 4.45 -16.80
N VAL B 91 -4.60 5.31 -16.45
CA VAL B 91 -4.59 6.69 -16.93
C VAL B 91 -3.23 7.02 -17.54
N ASN B 92 -3.27 7.61 -18.73
CA ASN B 92 -2.09 7.97 -19.54
C ASN B 92 -1.61 9.37 -19.10
N VAL B 93 -0.71 9.43 -18.12
CA VAL B 93 -0.28 10.71 -17.54
C VAL B 93 0.88 11.28 -18.34
N LYS B 94 0.68 12.46 -18.91
CA LYS B 94 1.71 13.14 -19.70
C LYS B 94 2.12 14.43 -19.02
N ILE B 95 3.42 14.71 -18.98
CA ILE B 95 3.92 15.91 -18.33
C ILE B 95 4.42 16.86 -19.40
N PHE B 96 3.98 18.11 -19.34
CA PHE B 96 4.37 19.01 -20.41
C PHE B 96 4.85 20.34 -19.86
N GLN B 97 5.46 21.09 -20.78
CA GLN B 97 5.87 22.46 -20.53
C GLN B 97 5.32 23.29 -21.68
N ALA B 98 4.75 24.47 -21.39
CA ALA B 98 4.21 25.34 -22.43
C ALA B 98 4.01 26.78 -21.94
N ALA B 99 3.35 27.59 -22.76
CA ALA B 99 3.11 29.00 -22.45
C ALA B 99 4.43 29.71 -22.31
CAC FLC C . -8.40 15.44 -2.46
CA FLC C . -7.69 15.95 -1.25
CB FLC C . -6.62 15.10 -0.66
CBC FLC C . -5.65 14.67 -1.72
CG FLC C . -5.93 15.87 0.41
CGC FLC C . -4.69 15.29 0.99
OA1 FLC C . -8.79 16.24 -3.35
OA2 FLC C . -8.60 14.20 -2.59
OB1 FLC C . -5.80 13.57 -2.31
OB2 FLC C . -4.66 15.40 -1.99
OG1 FLC C . -4.45 15.40 2.22
OG2 FLC C . -3.88 14.66 0.25
OHB FLC C . -7.22 14.00 -0.10
HA1 FLC C . -7.31 16.83 -1.45
HA2 FLC C . -8.35 16.10 -0.55
HG1 FLC C . -6.56 15.99 1.14
HG2 FLC C . -5.71 16.74 0.06
HOB FLC C . -7.80 14.26 0.52
#